data_5C5C
#
_entry.id   5C5C
#
_cell.length_a   106.175
_cell.length_b   101.203
_cell.length_c   55.318
_cell.angle_alpha   90.000
_cell.angle_beta   110.460
_cell.angle_gamma   90.000
#
_symmetry.space_group_name_H-M   'C 1 2 1'
#
loop_
_entity.id
_entity.type
_entity.pdbx_description
1 polymer 'Metabotropic glutamate receptor 7'
2 non-polymer 2-acetamido-2-deoxy-beta-D-glucopyranose
3 non-polymer GLYCEROL
4 non-polymer 'CALCIUM ION'
5 non-polymer 'UNKNOWN ATOM OR ION'
6 water water
#
_entity_poly.entity_id   1
_entity_poly.type   'polypeptide(L)'
_entity_poly.pdbx_seq_one_letter_code
;GAMDMYAPHSIRIEGDVTLGGLFPVHAKGPSGVPCGDIKRENGIHRLEAMLYALDQINSDPNLLPNVTLGARILDTCSRD
TYALEQSLTFVQALIQKDTSDVRCTNGEPPVFVKPEKVVGVIGASGSSVSIMVANILRLFQIPQISYASTAPELSDDRRY
DFFSRVVPPDSFQAQAMVDIVKALGWNYVSTLASEGSYGEKGVESFTQISKEAGGLSIAQSVRIPQERKDRTIDFDRIIK
QLLDTPNSRAVVIFANDEDIKQILAAAKRADQVGHFLWVGSDSWGSKINPLHQHEDIAEGAITIQPKRATVEGFDAYFTS
RTLENNRRNVWFAEYWEENFNCKLTISGSKKEDTDRKCTGQERIGKDSNYEQEGKVQFVIDAVYAMAHALHHMNKDLCAD
YRGVCPEMEQAGGKKLLKYIRNVNFNGSAGTPVMFNKNGDAPGRYDIFQYQTTNTSNPGYRLIGQWTDELQLNIEDMQWG
K
;
_entity_poly.pdbx_strand_id   A
#
# COMPACT_ATOMS: atom_id res chain seq x y z
N PRO A 8 9.94 -16.51 -13.92
CA PRO A 8 10.80 -15.54 -14.58
C PRO A 8 10.10 -14.29 -15.17
N HIS A 9 8.85 -14.46 -15.62
N HIS A 9 8.85 -14.41 -15.63
CA HIS A 9 8.16 -13.47 -16.45
CA HIS A 9 8.19 -13.27 -16.26
C HIS A 9 6.78 -13.07 -15.91
C HIS A 9 6.72 -13.01 -15.90
N SER A 10 5.86 -14.03 -15.82
CA SER A 10 4.47 -13.77 -15.33
C SER A 10 3.71 -14.97 -14.83
N ILE A 11 2.65 -14.71 -14.07
CA ILE A 11 1.74 -15.75 -13.60
C ILE A 11 0.48 -15.62 -14.44
N ARG A 12 0.21 -16.67 -15.22
CA ARG A 12 -0.93 -16.71 -16.11
C ARG A 12 -1.84 -17.83 -15.61
N ILE A 13 -3.07 -17.48 -15.28
CA ILE A 13 -4.07 -18.45 -14.78
C ILE A 13 -5.31 -18.29 -15.64
N GLU A 14 -5.79 -19.37 -16.26
CA GLU A 14 -6.99 -19.29 -17.12
C GLU A 14 -8.24 -19.13 -16.29
N GLY A 15 -9.25 -18.48 -16.89
CA GLY A 15 -10.56 -18.29 -16.24
C GLY A 15 -11.56 -17.67 -17.20
N ASP A 16 -12.83 -17.64 -16.79
CA ASP A 16 -13.90 -17.04 -17.59
C ASP A 16 -13.69 -15.55 -17.76
N VAL A 17 -13.24 -14.89 -16.68
CA VAL A 17 -12.77 -13.49 -16.74
C VAL A 17 -11.42 -13.39 -16.04
N THR A 18 -10.57 -12.52 -16.58
CA THR A 18 -9.17 -12.43 -16.17
C THR A 18 -8.89 -11.07 -15.50
N LEU A 19 -8.35 -11.13 -14.29
CA LEU A 19 -7.86 -9.96 -13.54
C LEU A 19 -6.37 -9.76 -13.78
N GLY A 20 -5.96 -8.56 -14.17
CA GLY A 20 -4.58 -8.18 -14.15
C GLY A 20 -4.10 -7.90 -12.73
N GLY A 21 -2.82 -8.14 -12.51
CA GLY A 21 -2.18 -7.82 -11.25
C GLY A 21 -0.84 -7.19 -11.48
N LEU A 22 -0.51 -6.19 -10.66
CA LEU A 22 0.79 -5.52 -10.71
C LEU A 22 1.34 -5.40 -9.30
N PHE A 23 2.51 -6.00 -9.09
CA PHE A 23 3.19 -6.00 -7.78
C PHE A 23 4.69 -5.73 -7.97
N PRO A 24 5.32 -5.07 -6.98
CA PRO A 24 6.76 -4.82 -7.00
C PRO A 24 7.52 -6.03 -6.49
N VAL A 25 7.56 -7.07 -7.32
CA VAL A 25 8.16 -8.34 -6.90
C VAL A 25 9.65 -8.12 -6.67
N HIS A 26 10.26 -7.29 -7.52
CA HIS A 26 11.61 -6.83 -7.35
C HIS A 26 11.68 -5.32 -7.12
N ALA A 27 12.74 -4.92 -6.42
CA ALA A 27 13.16 -3.54 -6.33
C ALA A 27 13.72 -3.05 -7.66
N LYS A 28 13.89 -1.74 -7.76
CA LYS A 28 14.55 -1.09 -8.88
C LYS A 28 15.98 -1.60 -8.99
N GLY A 29 16.41 -1.92 -10.21
CA GLY A 29 17.77 -2.40 -10.45
C GLY A 29 18.80 -1.28 -10.42
N PRO A 30 20.11 -1.62 -10.32
CA PRO A 30 21.23 -0.70 -10.06
C PRO A 30 21.21 0.68 -10.77
N SER A 31 21.12 0.67 -12.09
CA SER A 31 21.17 1.93 -12.87
C SER A 31 20.60 1.75 -14.28
N GLY A 32 21.21 0.83 -15.04
CA GLY A 32 20.71 0.42 -16.36
C GLY A 32 19.80 -0.80 -16.30
N VAL A 33 19.91 -1.60 -15.25
CA VAL A 33 19.10 -2.81 -15.07
C VAL A 33 17.70 -2.43 -14.56
N PRO A 34 16.64 -2.90 -15.25
CA PRO A 34 15.29 -2.63 -14.76
C PRO A 34 15.01 -3.18 -13.35
N CYS A 35 15.40 -4.44 -13.11
CA CYS A 35 15.01 -5.16 -11.89
C CYS A 35 16.20 -5.52 -10.99
N GLY A 36 16.03 -5.30 -9.68
CA GLY A 36 17.02 -5.62 -8.64
C GLY A 36 16.62 -6.83 -7.81
N ASP A 37 16.83 -6.76 -6.49
CA ASP A 37 16.54 -7.89 -5.59
C ASP A 37 15.04 -8.06 -5.33
N ILE A 38 14.65 -9.30 -4.99
CA ILE A 38 13.28 -9.59 -4.54
C ILE A 38 12.88 -8.71 -3.36
N LYS A 39 11.63 -8.26 -3.36
CA LYS A 39 11.03 -7.61 -2.19
C LYS A 39 10.11 -8.66 -1.61
N ARG A 40 10.56 -9.23 -0.49
CA ARG A 40 9.90 -10.39 0.12
C ARG A 40 8.50 -10.01 0.61
N GLU A 41 8.41 -8.90 1.33
CA GLU A 41 7.16 -8.49 1.96
C GLU A 41 6.30 -7.70 0.95
N ASN A 42 6.83 -6.59 0.45
CA ASN A 42 6.05 -5.73 -0.45
C ASN A 42 5.70 -6.37 -1.80
N GLY A 43 6.53 -7.33 -2.23
CA GLY A 43 6.34 -8.00 -3.50
C GLY A 43 5.68 -9.35 -3.31
N ILE A 44 6.41 -10.28 -2.72
CA ILE A 44 5.98 -11.67 -2.68
C ILE A 44 4.74 -11.89 -1.78
N HIS A 45 4.72 -11.30 -0.58
CA HIS A 45 3.52 -11.46 0.30
C HIS A 45 2.29 -10.85 -0.38
N ARG A 46 2.43 -9.66 -0.96
CA ARG A 46 1.29 -8.99 -1.58
C ARG A 46 0.75 -9.74 -2.79
N LEU A 47 1.65 -10.24 -3.64
CA LEU A 47 1.30 -11.08 -4.79
C LEU A 47 0.54 -12.32 -4.36
N GLU A 48 1.09 -13.02 -3.37
CA GLU A 48 0.45 -14.22 -2.85
C GLU A 48 -0.90 -13.96 -2.23
N ALA A 49 -1.09 -12.76 -1.67
CA ALA A 49 -2.38 -12.32 -1.15
C ALA A 49 -3.44 -12.29 -2.25
N MET A 50 -3.06 -11.81 -3.44
CA MET A 50 -3.96 -11.83 -4.58
C MET A 50 -4.27 -13.26 -5.02
N LEU A 51 -3.26 -14.13 -5.03
CA LEU A 51 -3.45 -15.52 -5.45
C LEU A 51 -4.36 -16.27 -4.48
N TYR A 52 -4.15 -16.02 -3.20
CA TYR A 52 -5.03 -16.51 -2.11
C TYR A 52 -6.47 -16.02 -2.25
N ALA A 53 -6.64 -14.71 -2.48
CA ALA A 53 -7.95 -14.16 -2.75
C ALA A 53 -8.66 -14.84 -3.93
N LEU A 54 -7.95 -15.02 -5.04
CA LEU A 54 -8.53 -15.69 -6.19
C LEU A 54 -8.97 -17.13 -5.85
N ASP A 55 -8.12 -17.87 -5.15
CA ASP A 55 -8.46 -19.22 -4.66
C ASP A 55 -9.71 -19.22 -3.76
N GLN A 56 -9.79 -18.26 -2.85
CA GLN A 56 -10.95 -18.13 -1.97
C GLN A 56 -12.24 -17.88 -2.76
N ILE A 57 -12.17 -16.96 -3.72
CA ILE A 57 -13.33 -16.61 -4.55
C ILE A 57 -13.74 -17.77 -5.45
N ASN A 58 -12.74 -18.42 -6.06
CA ASN A 58 -12.97 -19.58 -6.93
C ASN A 58 -13.51 -20.85 -6.21
N SER A 59 -13.42 -20.89 -4.88
N SER A 59 -13.41 -20.90 -4.88
CA SER A 59 -14.05 -21.93 -4.07
CA SER A 59 -14.05 -21.95 -4.08
C SER A 59 -15.36 -21.49 -3.38
C SER A 59 -15.27 -21.45 -3.28
N ASP A 60 -15.75 -20.22 -3.55
CA ASP A 60 -16.89 -19.62 -2.86
C ASP A 60 -18.12 -19.85 -3.73
N PRO A 61 -19.10 -20.65 -3.25
CA PRO A 61 -20.29 -20.93 -4.06
C PRO A 61 -21.32 -19.78 -4.11
N ASN A 62 -21.20 -18.79 -3.23
CA ASN A 62 -22.12 -17.66 -3.17
C ASN A 62 -21.59 -16.37 -3.83
N LEU A 63 -20.32 -16.37 -4.25
CA LEU A 63 -19.73 -15.24 -4.97
C LEU A 63 -19.21 -15.72 -6.33
N LEU A 64 -19.75 -15.14 -7.40
CA LEU A 64 -19.49 -15.58 -8.77
C LEU A 64 -19.66 -17.10 -8.90
N PRO A 65 -20.87 -17.63 -8.57
CA PRO A 65 -21.07 -19.08 -8.48
C PRO A 65 -20.65 -19.87 -9.71
N ASN A 66 -20.87 -19.31 -10.89
CA ASN A 66 -20.64 -20.04 -12.13
C ASN A 66 -19.60 -19.35 -13.03
N VAL A 67 -18.75 -18.49 -12.45
CA VAL A 67 -17.79 -17.66 -13.18
C VAL A 67 -16.40 -17.76 -12.52
N THR A 68 -15.47 -18.44 -13.17
CA THR A 68 -14.12 -18.57 -12.62
C THR A 68 -13.31 -17.31 -12.91
N LEU A 69 -12.50 -16.90 -11.94
CA LEU A 69 -11.56 -15.80 -12.09
C LEU A 69 -10.17 -16.31 -12.41
N GLY A 70 -9.65 -15.84 -13.55
CA GLY A 70 -8.29 -16.05 -13.96
C GLY A 70 -7.46 -14.81 -13.69
N ALA A 71 -6.21 -14.85 -14.11
CA ALA A 71 -5.28 -13.79 -13.78
C ALA A 71 -4.07 -13.72 -14.71
N ARG A 72 -3.58 -12.51 -14.87
CA ARG A 72 -2.28 -12.24 -15.45
C ARG A 72 -1.56 -11.30 -14.50
N ILE A 73 -0.59 -11.82 -13.77
CA ILE A 73 0.09 -11.05 -12.72
C ILE A 73 1.53 -10.77 -13.16
N LEU A 74 1.88 -9.49 -13.12
CA LEU A 74 3.14 -8.96 -13.62
C LEU A 74 3.94 -8.22 -12.55
N ASP A 75 5.24 -8.15 -12.79
CA ASP A 75 6.19 -7.50 -11.90
C ASP A 75 6.41 -6.09 -12.42
N THR A 76 6.31 -5.11 -11.52
CA THR A 76 6.56 -3.72 -11.86
C THR A 76 8.03 -3.35 -11.75
N CYS A 77 8.83 -4.19 -11.09
CA CYS A 77 10.21 -3.88 -10.69
C CYS A 77 10.33 -2.51 -10.02
N SER A 78 9.25 -2.08 -9.34
CA SER A 78 9.16 -0.80 -8.66
C SER A 78 9.46 0.44 -9.53
N ARG A 79 9.24 0.34 -10.85
CA ARG A 79 9.55 1.43 -11.80
C ARG A 79 8.33 1.72 -12.62
N ASP A 80 7.97 2.99 -12.72
CA ASP A 80 6.78 3.38 -13.51
C ASP A 80 6.94 3.11 -14.99
N THR A 81 8.13 3.32 -15.54
CA THR A 81 8.39 3.04 -16.95
C THR A 81 8.26 1.55 -17.29
N TYR A 82 8.86 0.72 -16.45
CA TYR A 82 8.76 -0.73 -16.60
C TYR A 82 7.31 -1.20 -16.49
N ALA A 83 6.57 -0.68 -15.52
CA ALA A 83 5.16 -1.05 -15.34
C ALA A 83 4.29 -0.64 -16.53
N LEU A 84 4.54 0.56 -17.08
CA LEU A 84 3.88 0.99 -18.33
C LEU A 84 4.04 -0.05 -19.44
N GLU A 85 5.27 -0.49 -19.65
CA GLU A 85 5.59 -1.48 -20.67
C GLU A 85 4.90 -2.80 -20.39
N GLN A 86 5.03 -3.27 -19.15
CA GLN A 86 4.31 -4.48 -18.74
C GLN A 86 2.80 -4.41 -18.97
N SER A 87 2.20 -3.27 -18.66
N SER A 87 2.19 -3.27 -18.67
CA SER A 87 0.74 -3.09 -18.76
CA SER A 87 0.74 -3.10 -18.74
C SER A 87 0.18 -3.32 -20.16
C SER A 87 0.17 -3.27 -20.17
N LEU A 88 1.02 -3.14 -21.19
CA LEU A 88 0.62 -3.42 -22.57
C LEU A 88 0.23 -4.89 -22.79
N THR A 89 0.77 -5.79 -21.96
CA THR A 89 0.31 -7.18 -21.92
C THR A 89 -1.17 -7.33 -21.67
N PHE A 90 -1.75 -6.43 -20.88
CA PHE A 90 -3.16 -6.48 -20.55
C PHE A 90 -4.08 -6.16 -21.73
N VAL A 91 -3.56 -5.58 -22.81
CA VAL A 91 -4.41 -5.24 -23.98
C VAL A 91 -4.08 -6.05 -25.25
N GLN A 92 -3.35 -7.16 -25.10
CA GLN A 92 -2.91 -7.95 -26.28
C GLN A 92 -4.05 -8.50 -27.13
N ALA A 93 -5.18 -8.83 -26.50
CA ALA A 93 -6.39 -9.26 -27.24
C ALA A 93 -6.91 -8.20 -28.21
N LEU A 94 -6.73 -6.94 -27.85
CA LEU A 94 -7.15 -5.79 -28.67
C LEU A 94 -6.09 -5.30 -29.66
N ILE A 95 -4.81 -5.55 -29.39
CA ILE A 95 -3.71 -4.92 -30.14
C ILE A 95 -2.36 -5.62 -29.96
N LYS A 114 -4.49 -17.86 -27.71
CA LYS A 114 -5.57 -17.54 -26.77
C LYS A 114 -5.30 -16.15 -26.15
N PRO A 115 -5.66 -15.07 -26.89
CA PRO A 115 -5.34 -13.70 -26.47
C PRO A 115 -6.03 -13.30 -25.16
N GLU A 116 -5.27 -12.68 -24.25
CA GLU A 116 -5.77 -12.37 -22.91
C GLU A 116 -6.59 -11.07 -22.87
N LYS A 117 -7.87 -11.19 -22.50
CA LYS A 117 -8.76 -10.04 -22.28
C LYS A 117 -8.88 -9.78 -20.78
N VAL A 118 -8.42 -8.61 -20.37
CA VAL A 118 -8.28 -8.28 -18.96
C VAL A 118 -9.39 -7.29 -18.60
N VAL A 119 -10.31 -7.70 -17.71
CA VAL A 119 -11.45 -6.84 -17.34
C VAL A 119 -11.14 -5.76 -16.30
N GLY A 120 -10.09 -5.97 -15.52
CA GLY A 120 -9.70 -5.06 -14.45
C GLY A 120 -8.30 -5.40 -13.95
N VAL A 121 -7.65 -4.44 -13.32
CA VAL A 121 -6.28 -4.57 -12.86
C VAL A 121 -6.22 -4.22 -11.36
N ILE A 122 -5.59 -5.11 -10.59
CA ILE A 122 -5.24 -4.90 -9.19
C ILE A 122 -3.81 -4.37 -9.09
N GLY A 123 -3.65 -3.14 -8.62
CA GLY A 123 -2.34 -2.50 -8.48
C GLY A 123 -2.38 -1.05 -8.91
N ALA A 124 -1.21 -0.40 -9.01
CA ALA A 124 0.09 -0.94 -8.60
C ALA A 124 0.29 -0.63 -7.11
N SER A 125 1.54 -0.70 -6.62
CA SER A 125 1.85 -0.44 -5.23
C SER A 125 2.28 1.02 -5.03
N GLY A 126 3.44 1.40 -5.59
CA GLY A 126 3.92 2.78 -5.52
C GLY A 126 3.01 3.74 -6.28
N SER A 127 2.81 4.93 -5.73
CA SER A 127 1.93 5.90 -6.34
C SER A 127 2.38 6.33 -7.75
N SER A 128 3.67 6.56 -7.95
CA SER A 128 4.17 6.92 -9.30
C SER A 128 3.88 5.81 -10.32
N VAL A 129 3.98 4.56 -9.88
CA VAL A 129 3.70 3.41 -10.72
C VAL A 129 2.22 3.39 -11.08
N SER A 130 1.37 3.51 -10.05
CA SER A 130 -0.08 3.53 -10.27
C SER A 130 -0.54 4.67 -11.20
N ILE A 131 0.07 5.83 -11.06
CA ILE A 131 -0.27 6.99 -11.90
C ILE A 131 -0.01 6.69 -13.35
N MET A 132 1.19 6.22 -13.64
CA MET A 132 1.59 5.85 -15.01
C MET A 132 0.69 4.76 -15.59
N VAL A 133 0.43 3.71 -14.79
CA VAL A 133 -0.46 2.65 -15.19
C VAL A 133 -1.87 3.17 -15.46
N ALA A 134 -2.37 4.00 -14.57
CA ALA A 134 -3.71 4.56 -14.70
C ALA A 134 -3.88 5.36 -16.00
N ASN A 135 -2.82 6.06 -16.40
CA ASN A 135 -2.83 6.82 -17.64
C ASN A 135 -3.03 5.98 -18.88
N ILE A 136 -2.44 4.78 -18.92
CA ILE A 136 -2.67 3.91 -20.07
C ILE A 136 -3.96 3.13 -19.95
N LEU A 137 -4.29 2.62 -18.76
CA LEU A 137 -5.52 1.84 -18.56
C LEU A 137 -6.79 2.66 -18.87
N ARG A 138 -6.77 3.96 -18.57
CA ARG A 138 -7.87 4.88 -18.94
CA ARG A 138 -7.86 4.87 -18.93
C ARG A 138 -8.16 4.78 -20.43
N LEU A 139 -7.11 4.78 -21.23
CA LEU A 139 -7.25 4.82 -22.71
C LEU A 139 -7.94 3.59 -23.26
N PHE A 140 -7.74 2.46 -22.59
CA PHE A 140 -8.42 1.21 -22.92
C PHE A 140 -9.64 0.92 -22.04
N GLN A 141 -10.05 1.88 -21.22
CA GLN A 141 -11.23 1.73 -20.35
C GLN A 141 -11.18 0.50 -19.44
N ILE A 142 -10.04 0.29 -18.81
CA ILE A 142 -9.85 -0.86 -17.94
C ILE A 142 -9.81 -0.33 -16.49
N PRO A 143 -10.82 -0.69 -15.67
CA PRO A 143 -10.76 -0.27 -14.26
C PRO A 143 -9.58 -0.84 -13.47
N GLN A 144 -9.12 -0.07 -12.49
CA GLN A 144 -7.96 -0.39 -11.71
C GLN A 144 -8.30 -0.15 -10.24
N ILE A 145 -7.82 -1.04 -9.37
CA ILE A 145 -7.95 -0.86 -7.93
C ILE A 145 -6.59 -1.06 -7.29
N SER A 146 -6.07 -0.01 -6.66
CA SER A 146 -4.80 -0.12 -5.97
C SER A 146 -5.02 -0.52 -4.51
N TYR A 147 -4.04 -1.25 -3.97
CA TYR A 147 -4.02 -1.74 -2.58
C TYR A 147 -3.04 -0.93 -1.71
N ALA A 148 -2.35 0.07 -2.29
CA ALA A 148 -1.31 0.83 -1.56
C ALA A 148 -1.06 2.27 -1.96
N SER A 149 -1.46 2.69 -3.15
CA SER A 149 -1.10 4.02 -3.63
C SER A 149 -1.97 5.11 -2.99
N THR A 150 -1.35 5.99 -2.23
CA THR A 150 -2.07 7.03 -1.47
C THR A 150 -1.93 8.47 -1.99
N ALA A 151 -1.22 8.68 -3.10
CA ALA A 151 -1.06 10.01 -3.69
C ALA A 151 -2.40 10.72 -3.95
N PRO A 152 -2.57 11.96 -3.45
CA PRO A 152 -3.85 12.66 -3.62
C PRO A 152 -4.26 12.93 -5.07
N GLU A 153 -3.30 13.11 -5.98
CA GLU A 153 -3.67 13.38 -7.39
C GLU A 153 -4.54 12.29 -8.05
N LEU A 154 -4.43 11.05 -7.58
CA LEU A 154 -5.28 9.93 -8.06
C LEU A 154 -6.78 10.05 -7.76
N SER A 155 -7.14 10.93 -6.83
CA SER A 155 -8.53 11.22 -6.52
C SER A 155 -9.23 12.08 -7.58
N ASP A 156 -8.47 12.72 -8.46
CA ASP A 156 -9.05 13.57 -9.48
C ASP A 156 -9.62 12.69 -10.59
N ASP A 157 -10.96 12.60 -10.64
CA ASP A 157 -11.65 11.78 -11.64
C ASP A 157 -11.63 12.36 -13.06
N ARG A 158 -11.11 13.57 -13.27
CA ARG A 158 -10.82 14.04 -14.64
C ARG A 158 -9.71 13.19 -15.25
N ARG A 159 -8.55 13.16 -14.59
CA ARG A 159 -7.38 12.44 -15.09
C ARG A 159 -7.45 10.91 -14.83
N TYR A 160 -8.05 10.50 -13.70
CA TYR A 160 -7.96 9.11 -13.23
C TYR A 160 -9.35 8.52 -12.91
N ASP A 161 -10.26 8.70 -13.86
CA ASP A 161 -11.64 8.21 -13.80
C ASP A 161 -11.77 6.69 -13.62
N PHE A 162 -10.84 5.92 -14.18
CA PHE A 162 -10.88 4.46 -14.05
C PHE A 162 -10.18 3.90 -12.80
N PHE A 163 -9.54 4.79 -12.02
CA PHE A 163 -8.75 4.41 -10.85
C PHE A 163 -9.56 4.52 -9.57
N SER A 164 -9.54 3.44 -8.80
CA SER A 164 -10.05 3.41 -7.44
C SER A 164 -8.99 2.82 -6.51
N ARG A 165 -9.22 2.91 -5.20
CA ARG A 165 -8.27 2.35 -4.24
C ARG A 165 -8.91 2.02 -2.89
N VAL A 166 -8.47 0.91 -2.29
CA VAL A 166 -8.99 0.46 -0.98
C VAL A 166 -8.22 1.08 0.18
N VAL A 167 -7.20 1.90 -0.12
CA VAL A 167 -6.53 2.72 0.89
C VAL A 167 -6.95 4.18 0.69
N PRO A 168 -6.97 4.99 1.79
CA PRO A 168 -7.36 6.38 1.64
C PRO A 168 -6.24 7.28 1.05
N PRO A 169 -6.60 8.39 0.39
CA PRO A 169 -5.59 9.33 -0.07
C PRO A 169 -4.95 10.07 1.10
N ASP A 170 -3.69 10.49 0.91
CA ASP A 170 -2.94 11.20 1.97
C ASP A 170 -3.48 12.58 2.29
N SER A 171 -4.38 13.10 1.47
CA SER A 171 -5.17 14.30 1.78
C SER A 171 -5.98 14.14 3.07
N PHE A 172 -6.58 12.96 3.30
CA PHE A 172 -7.26 12.70 4.58
C PHE A 172 -6.25 12.62 5.72
N GLN A 173 -5.16 11.88 5.47
CA GLN A 173 -4.06 11.75 6.42
C GLN A 173 -3.54 13.11 6.87
N ALA A 174 -3.39 14.04 5.93
CA ALA A 174 -2.87 15.39 6.24
C ALA A 174 -3.80 16.12 7.24
N GLN A 175 -5.11 16.03 7.00
CA GLN A 175 -6.10 16.62 7.91
C GLN A 175 -6.00 15.97 9.27
N ALA A 176 -5.87 14.64 9.31
CA ALA A 176 -5.74 13.94 10.59
C ALA A 176 -4.49 14.38 11.35
N MET A 177 -3.39 14.62 10.64
CA MET A 177 -2.14 15.08 11.27
C MET A 177 -2.31 16.48 11.87
N VAL A 178 -2.88 17.41 11.11
CA VAL A 178 -3.19 18.76 11.61
C VAL A 178 -4.10 18.66 12.83
N ASP A 179 -5.15 17.83 12.74
CA ASP A 179 -6.07 17.64 13.88
C ASP A 179 -5.35 17.16 15.13
N ILE A 180 -4.46 16.18 14.99
CA ILE A 180 -3.72 15.64 16.14
C ILE A 180 -2.75 16.66 16.73
N VAL A 181 -2.01 17.34 15.87
CA VAL A 181 -1.05 18.38 16.30
C VAL A 181 -1.78 19.48 17.11
N LYS A 182 -2.92 19.93 16.61
CA LYS A 182 -3.72 20.94 17.33
C LYS A 182 -4.27 20.41 18.66
N ALA A 183 -4.81 19.20 18.66
CA ALA A 183 -5.38 18.60 19.87
C ALA A 183 -4.33 18.42 20.98
N LEU A 184 -3.07 18.18 20.58
CA LEU A 184 -1.98 18.00 21.53
C LEU A 184 -1.31 19.30 21.96
N GLY A 185 -1.73 20.43 21.41
CA GLY A 185 -1.19 21.73 21.78
C GLY A 185 0.17 22.02 21.17
N TRP A 186 0.48 21.36 20.05
CA TRP A 186 1.75 21.57 19.35
C TRP A 186 1.50 22.66 18.31
N ASN A 187 1.41 23.90 18.78
N ASN A 187 1.40 23.90 18.80
CA ASN A 187 0.98 25.01 17.95
CA ASN A 187 1.01 25.05 18.00
C ASN A 187 2.08 25.62 17.08
C ASN A 187 2.08 25.57 17.05
N TYR A 188 3.35 25.28 17.34
CA TYR A 188 4.47 25.61 16.47
C TYR A 188 5.20 24.31 16.17
N VAL A 189 5.39 23.97 14.90
CA VAL A 189 6.06 22.72 14.52
C VAL A 189 7.07 22.95 13.42
N SER A 190 8.04 22.05 13.31
CA SER A 190 8.90 21.99 12.14
C SER A 190 8.51 20.76 11.35
N THR A 191 8.69 20.82 10.03
CA THR A 191 8.52 19.64 9.18
C THR A 191 9.89 19.10 8.72
N LEU A 192 9.94 17.78 8.58
CA LEU A 192 11.10 17.09 8.04
C LEU A 192 10.59 16.13 6.99
N ALA A 193 11.10 16.21 5.77
CA ALA A 193 10.59 15.38 4.68
C ALA A 193 11.72 14.75 3.88
N SER A 194 11.49 13.51 3.44
CA SER A 194 12.37 12.87 2.45
C SER A 194 12.31 13.64 1.13
N GLU A 195 13.46 13.69 0.44
N GLU A 195 13.36 13.56 0.32
CA GLU A 195 13.51 14.23 -0.91
CA GLU A 195 13.55 14.45 -0.86
C GLU A 195 12.67 13.35 -1.80
C GLU A 195 12.51 14.43 -2.01
N GLY A 196 12.06 13.98 -2.81
N GLY A 196 11.86 13.30 -2.24
CA GLY A 196 11.10 13.30 -3.67
CA GLY A 196 11.02 13.12 -3.45
C GLY A 196 9.75 13.99 -3.61
C GLY A 196 9.74 13.93 -3.55
N SER A 197 8.89 13.56 -4.52
CA SER A 197 7.57 14.20 -4.73
C SER A 197 6.59 13.90 -3.58
N TYR A 198 6.68 12.70 -3.03
CA TYR A 198 5.90 12.32 -1.84
C TYR A 198 6.09 13.32 -0.67
N GLY A 199 7.35 13.53 -0.29
CA GLY A 199 7.68 14.43 0.83
C GLY A 199 7.34 15.88 0.58
N GLU A 200 7.59 16.33 -0.65
CA GLU A 200 7.27 17.69 -1.06
C GLU A 200 5.77 17.94 -1.05
N LYS A 201 5.02 16.99 -1.60
CA LYS A 201 3.55 17.05 -1.67
C LYS A 201 2.91 16.98 -0.27
N GLY A 202 3.43 16.10 0.58
CA GLY A 202 2.96 15.94 1.96
C GLY A 202 3.10 17.20 2.78
N VAL A 203 4.27 17.83 2.68
CA VAL A 203 4.55 19.08 3.39
C VAL A 203 3.71 20.27 2.88
N GLU A 204 3.53 20.40 1.56
CA GLU A 204 2.70 21.48 1.01
C GLU A 204 1.22 21.27 1.38
N SER A 205 0.79 20.00 1.37
CA SER A 205 -0.56 19.61 1.80
C SER A 205 -0.79 19.95 3.27
N PHE A 206 0.10 19.48 4.14
CA PHE A 206 0.05 19.76 5.58
C PHE A 206 0.11 21.26 5.86
N THR A 207 1.00 21.97 5.15
CA THR A 207 1.15 23.43 5.24
C THR A 207 -0.12 24.18 4.86
N GLN A 208 -0.73 23.74 3.76
CA GLN A 208 -1.97 24.35 3.27
C GLN A 208 -3.13 24.14 4.25
N ILE A 209 -3.27 22.92 4.79
CA ILE A 209 -4.35 22.63 5.77
C ILE A 209 -4.13 23.43 7.08
N SER A 210 -2.87 23.52 7.51
CA SER A 210 -2.50 24.27 8.71
C SER A 210 -2.83 25.75 8.61
N LYS A 211 -2.64 26.32 7.41
CA LYS A 211 -3.02 27.71 7.14
CA LYS A 211 -3.02 27.71 7.15
C LYS A 211 -4.53 27.91 7.25
N GLU A 212 -5.30 26.96 6.74
CA GLU A 212 -6.76 27.01 6.79
C GLU A 212 -7.33 26.75 8.19
N ALA A 213 -6.59 26.00 9.01
CA ALA A 213 -7.05 25.61 10.34
C ALA A 213 -6.93 26.73 11.39
N GLY A 214 -5.86 27.52 11.30
CA GLY A 214 -5.54 28.51 12.34
C GLY A 214 -4.85 27.85 13.53
N GLY A 215 -4.19 28.65 14.37
CA GLY A 215 -3.54 28.16 15.59
C GLY A 215 -2.40 27.18 15.40
N LEU A 216 -1.85 27.11 14.18
CA LEU A 216 -0.78 26.15 13.87
C LEU A 216 0.19 26.82 12.89
N SER A 217 1.44 26.96 13.31
CA SER A 217 2.45 27.65 12.52
C SER A 217 3.62 26.71 12.26
N ILE A 218 4.18 26.79 11.05
CA ILE A 218 5.33 25.99 10.66
C ILE A 218 6.58 26.85 10.85
N ALA A 219 7.42 26.46 11.81
CA ALA A 219 8.64 27.21 12.13
C ALA A 219 9.70 27.08 11.04
N GLN A 220 9.93 25.85 10.56
CA GLN A 220 10.79 25.62 9.40
C GLN A 220 10.47 24.30 8.72
N SER A 221 10.87 24.20 7.45
CA SER A 221 10.76 22.97 6.69
C SER A 221 12.17 22.56 6.23
N VAL A 222 12.61 21.40 6.71
CA VAL A 222 13.90 20.82 6.36
C VAL A 222 13.68 19.63 5.42
N ARG A 223 14.56 19.49 4.43
CA ARG A 223 14.49 18.41 3.45
C ARG A 223 15.70 17.50 3.60
N ILE A 224 15.47 16.19 3.64
CA ILE A 224 16.53 15.18 3.70
C ILE A 224 17.09 14.94 2.29
N PRO A 225 18.43 14.90 2.11
CA PRO A 225 18.93 14.57 0.76
C PRO A 225 18.64 13.13 0.32
N GLN A 226 18.63 12.89 -0.99
CA GLN A 226 18.49 11.51 -1.52
C GLN A 226 19.65 10.62 -1.07
N GLU A 227 19.38 9.34 -0.84
CA GLU A 227 20.37 8.41 -0.27
C GLU A 227 21.42 7.98 -1.29
N ARG A 228 22.40 8.85 -1.51
CA ARG A 228 23.51 8.59 -2.44
C ARG A 228 24.57 7.71 -1.76
N LYS A 229 25.09 6.72 -2.50
CA LYS A 229 26.10 5.79 -2.00
C LYS A 229 27.46 6.44 -1.64
N ASP A 230 27.76 7.58 -2.25
CA ASP A 230 29.00 8.32 -1.99
C ASP A 230 29.11 8.96 -0.60
N ARG A 231 27.96 9.22 0.04
CA ARG A 231 27.92 9.90 1.36
C ARG A 231 27.05 9.18 2.40
N THR A 232 27.20 9.61 3.65
CA THR A 232 26.38 9.15 4.79
C THR A 232 25.74 10.37 5.45
N ILE A 233 24.41 10.43 5.45
CA ILE A 233 23.66 11.60 5.95
C ILE A 233 23.79 11.70 7.48
N ASP A 234 23.97 12.93 7.98
CA ASP A 234 24.11 13.16 9.42
C ASP A 234 22.74 13.50 10.05
N PHE A 235 21.97 12.46 10.35
CA PHE A 235 20.66 12.62 10.98
C PHE A 235 20.73 13.22 12.39
N ASP A 236 21.83 12.98 13.10
CA ASP A 236 22.04 13.58 14.43
C ASP A 236 22.12 15.11 14.35
N ARG A 237 22.83 15.64 13.36
CA ARG A 237 22.87 17.09 13.11
C ARG A 237 21.48 17.67 12.73
N ILE A 238 20.77 16.95 11.86
CA ILE A 238 19.45 17.40 11.39
C ILE A 238 18.45 17.46 12.56
N ILE A 239 18.41 16.41 13.38
CA ILE A 239 17.54 16.36 14.55
C ILE A 239 17.92 17.43 15.57
N LYS A 240 19.22 17.57 15.86
CA LYS A 240 19.69 18.59 16.83
C LYS A 240 19.22 19.99 16.44
N GLN A 241 19.33 20.32 15.16
CA GLN A 241 18.87 21.61 14.64
C GLN A 241 17.35 21.80 14.80
N LEU A 242 16.56 20.76 14.53
CA LEU A 242 15.10 20.84 14.66
C LEU A 242 14.67 21.05 16.12
N LEU A 243 15.32 20.33 17.03
CA LEU A 243 15.06 20.46 18.46
C LEU A 243 15.56 21.75 19.11
N ASP A 244 16.48 22.46 18.45
CA ASP A 244 16.97 23.76 18.92
C ASP A 244 16.29 24.95 18.23
N THR A 245 15.35 24.68 17.32
CA THR A 245 14.58 25.73 16.67
C THR A 245 13.76 26.46 17.75
N PRO A 246 13.76 27.81 17.75
CA PRO A 246 12.96 28.55 18.74
C PRO A 246 11.46 28.44 18.44
N ASN A 247 10.66 28.33 19.51
CA ASN A 247 9.19 28.21 19.42
C ASN A 247 8.65 26.79 19.14
N SER A 248 9.34 26.02 18.29
CA SER A 248 8.88 24.69 17.84
C SER A 248 8.61 23.70 18.99
N ARG A 249 7.38 23.17 19.01
CA ARG A 249 6.90 22.21 20.01
C ARG A 249 7.01 20.76 19.54
N ALA A 250 7.21 20.55 18.23
CA ALA A 250 7.22 19.21 17.66
C ALA A 250 7.85 19.18 16.29
N VAL A 251 8.19 17.97 15.86
CA VAL A 251 8.68 17.71 14.51
C VAL A 251 7.68 16.77 13.82
N VAL A 252 7.21 17.19 12.65
CA VAL A 252 6.25 16.43 11.86
C VAL A 252 7.02 15.89 10.64
N ILE A 253 7.00 14.56 10.49
CA ILE A 253 7.92 13.85 9.58
C ILE A 253 7.14 13.16 8.47
N PHE A 254 7.57 13.37 7.22
CA PHE A 254 7.00 12.70 6.04
C PHE A 254 8.16 11.94 5.38
N ALA A 255 8.26 10.64 5.63
CA ALA A 255 9.50 9.90 5.36
C ALA A 255 9.30 8.59 4.60
N ASN A 256 10.32 8.23 3.81
CA ASN A 256 10.45 6.86 3.26
C ASN A 256 10.93 5.88 4.34
N ASP A 257 11.01 4.59 3.98
CA ASP A 257 11.41 3.51 4.92
C ASP A 257 12.76 3.78 5.58
N GLU A 258 13.78 4.02 4.76
CA GLU A 258 15.15 4.16 5.26
C GLU A 258 15.33 5.40 6.13
N ASP A 259 14.78 6.52 5.68
CA ASP A 259 14.84 7.77 6.43
C ASP A 259 14.15 7.67 7.81
N ILE A 260 12.96 7.09 7.89
CA ILE A 260 12.24 7.04 9.19
C ILE A 260 13.03 6.28 10.26
N LYS A 261 13.62 5.15 9.88
CA LYS A 261 14.42 4.33 10.82
C LYS A 261 15.62 5.14 11.38
N GLN A 262 16.28 5.89 10.51
CA GLN A 262 17.43 6.72 10.91
C GLN A 262 17.02 7.98 11.67
N ILE A 263 15.93 8.61 11.25
CA ILE A 263 15.39 9.78 11.97
C ILE A 263 15.02 9.43 13.41
N LEU A 264 14.25 8.35 13.58
CA LEU A 264 13.79 7.98 14.93
C LEU A 264 14.91 7.41 15.81
N ALA A 265 15.91 6.76 15.21
CA ALA A 265 17.10 6.32 15.95
C ALA A 265 17.87 7.55 16.40
N ALA A 266 18.12 8.48 15.49
CA ALA A 266 18.74 9.76 15.84
C ALA A 266 17.96 10.53 16.90
N ALA A 267 16.63 10.49 16.81
CA ALA A 267 15.79 11.13 17.83
C ALA A 267 16.00 10.47 19.21
N LYS A 268 16.09 9.14 19.24
CA LYS A 268 16.33 8.43 20.50
C LYS A 268 17.66 8.80 21.13
N ARG A 269 18.71 8.90 20.28
CA ARG A 269 20.07 9.25 20.73
C ARG A 269 20.27 10.71 21.13
N ALA A 270 19.35 11.59 20.74
CA ALA A 270 19.52 13.03 20.95
C ALA A 270 19.67 13.42 22.42
N ASP A 271 20.29 14.60 22.61
CA ASP A 271 20.49 15.16 23.94
C ASP A 271 19.16 15.60 24.56
N GLN A 272 18.30 16.22 23.76
CA GLN A 272 16.99 16.66 24.21
C GLN A 272 15.85 15.73 23.74
N VAL A 273 14.84 15.58 24.59
CA VAL A 273 13.60 14.91 24.22
C VAL A 273 12.78 15.86 23.33
N GLY A 274 12.08 15.29 22.35
CA GLY A 274 11.23 16.06 21.47
C GLY A 274 9.90 15.36 21.30
N HIS A 275 8.99 16.04 20.62
CA HIS A 275 7.73 15.46 20.21
C HIS A 275 7.80 15.19 18.72
N PHE A 276 7.47 13.96 18.32
CA PHE A 276 7.59 13.49 16.93
C PHE A 276 6.29 12.88 16.46
N LEU A 277 5.82 13.30 15.30
CA LEU A 277 4.70 12.69 14.62
C LEU A 277 5.22 12.35 13.23
N TRP A 278 5.10 11.09 12.83
CA TRP A 278 5.57 10.68 11.51
C TRP A 278 4.54 9.89 10.71
N VAL A 279 4.58 10.09 9.40
CA VAL A 279 3.85 9.27 8.44
C VAL A 279 4.78 8.81 7.33
N GLY A 280 4.28 7.86 6.55
CA GLY A 280 4.96 7.34 5.38
C GLY A 280 5.30 5.89 5.58
N SER A 281 6.36 5.46 4.91
CA SER A 281 6.89 4.09 4.99
C SER A 281 5.93 3.02 4.41
N ASP A 282 6.30 1.75 4.58
CA ASP A 282 5.41 0.62 4.28
C ASP A 282 5.63 -0.48 5.32
N SER A 283 5.13 -0.23 6.53
CA SER A 283 5.09 -1.23 7.60
C SER A 283 3.80 -1.07 8.38
N TRP A 284 3.22 -2.19 8.82
CA TRP A 284 1.97 -2.17 9.58
C TRP A 284 1.66 -3.53 10.23
N HIS A 294 14.15 -5.97 18.24
CA HIS A 294 14.95 -4.79 18.55
C HIS A 294 14.67 -3.64 17.59
N GLU A 295 14.44 -2.46 18.15
CA GLU A 295 14.28 -1.22 17.39
C GLU A 295 14.90 -0.06 18.19
N ASP A 296 15.28 1.01 17.48
CA ASP A 296 15.86 2.21 18.10
C ASP A 296 14.93 3.37 17.75
N ILE A 297 13.95 3.59 18.62
CA ILE A 297 12.87 4.55 18.36
C ILE A 297 12.65 5.40 19.60
N ALA A 298 12.66 6.72 19.44
CA ALA A 298 12.47 7.65 20.55
C ALA A 298 11.12 7.42 21.24
N GLU A 299 11.15 7.36 22.58
CA GLU A 299 9.94 7.20 23.38
C GLU A 299 8.94 8.28 23.04
N GLY A 300 7.67 7.87 22.86
CA GLY A 300 6.58 8.80 22.64
C GLY A 300 6.35 9.21 21.20
N ALA A 301 7.17 8.73 20.26
CA ALA A 301 6.96 9.06 18.85
C ALA A 301 5.58 8.54 18.40
N ILE A 302 4.86 9.39 17.68
CA ILE A 302 3.50 9.07 17.23
C ILE A 302 3.48 8.87 15.73
N THR A 303 2.69 7.90 15.29
CA THR A 303 2.40 7.73 13.87
C THR A 303 0.92 7.50 13.63
N ILE A 304 0.47 7.81 12.41
N ILE A 304 0.51 7.77 12.40
CA ILE A 304 -0.92 7.65 12.01
CA ILE A 304 -0.84 7.49 11.91
C ILE A 304 -1.00 6.96 10.65
C ILE A 304 -0.67 6.47 10.77
N GLN A 305 -1.69 5.82 10.62
N GLN A 305 -1.54 5.46 10.74
CA GLN A 305 -1.63 4.91 9.49
CA GLN A 305 -1.54 4.42 9.70
C GLN A 305 -2.98 4.26 9.27
C GLN A 305 -3.00 4.16 9.31
N PRO A 306 -3.30 3.87 8.01
CA PRO A 306 -4.63 3.35 7.70
C PRO A 306 -4.97 2.10 8.54
N LYS A 307 -6.21 2.01 8.99
CA LYS A 307 -6.67 0.87 9.77
C LYS A 307 -6.51 -0.42 8.98
N ARG A 308 -5.86 -1.40 9.59
CA ARG A 308 -5.78 -2.73 9.04
C ARG A 308 -5.53 -3.78 10.12
N ALA A 309 -5.66 -5.05 9.75
CA ALA A 309 -5.52 -6.17 10.68
C ALA A 309 -5.02 -7.42 9.97
N THR A 310 -4.51 -8.36 10.77
CA THR A 310 -4.03 -9.64 10.28
C THR A 310 -5.20 -10.44 9.70
N VAL A 311 -5.01 -10.97 8.50
CA VAL A 311 -5.94 -11.94 7.90
C VAL A 311 -5.37 -13.34 8.18
N GLU A 312 -5.93 -14.04 9.16
CA GLU A 312 -5.29 -15.28 9.65
C GLU A 312 -5.25 -16.42 8.62
N GLY A 313 -6.31 -16.54 7.81
CA GLY A 313 -6.36 -17.58 6.77
C GLY A 313 -5.22 -17.47 5.78
N PHE A 314 -4.77 -16.25 5.50
CA PHE A 314 -3.63 -16.04 4.61
C PHE A 314 -2.33 -16.59 5.19
N ASP A 315 -2.11 -16.38 6.49
CA ASP A 315 -0.89 -16.90 7.13
C ASP A 315 -0.76 -18.42 7.00
N ALA A 316 -1.86 -19.14 7.20
CA ALA A 316 -1.89 -20.60 7.05
C ALA A 316 -1.55 -20.99 5.61
N TYR A 317 -2.15 -20.29 4.65
CA TYR A 317 -1.81 -20.50 3.24
C TYR A 317 -0.33 -20.19 3.00
N PHE A 318 0.13 -18.99 3.36
CA PHE A 318 1.48 -18.55 2.93
C PHE A 318 2.59 -19.38 3.57
N THR A 319 2.48 -19.60 4.89
CA THR A 319 3.50 -20.37 5.62
C THR A 319 3.56 -21.87 5.24
N SER A 320 2.49 -22.41 4.65
CA SER A 320 2.51 -23.79 4.13
C SER A 320 3.00 -23.90 2.68
N ARG A 321 3.44 -22.80 2.07
CA ARG A 321 3.96 -22.89 0.70
C ARG A 321 5.37 -23.42 0.69
N THR A 322 5.65 -24.29 -0.28
CA THR A 322 6.94 -24.91 -0.46
C THR A 322 7.32 -24.82 -1.92
N LEU A 323 8.56 -25.16 -2.23
CA LEU A 323 8.99 -25.22 -3.63
C LEU A 323 8.22 -26.31 -4.40
N GLU A 324 7.85 -27.39 -3.71
CA GLU A 324 7.06 -28.48 -4.33
C GLU A 324 5.61 -28.11 -4.63
N ASN A 325 4.95 -27.37 -3.74
CA ASN A 325 3.52 -27.06 -3.91
C ASN A 325 3.22 -25.66 -4.47
N ASN A 326 4.25 -24.88 -4.80
CA ASN A 326 4.05 -23.49 -5.23
C ASN A 326 4.82 -23.06 -6.49
N ARG A 327 4.89 -23.94 -7.47
CA ARG A 327 5.39 -23.57 -8.79
C ARG A 327 4.53 -22.46 -9.45
N ARG A 328 3.26 -22.36 -9.08
CA ARG A 328 2.36 -21.29 -9.57
C ARG A 328 3.00 -19.90 -9.46
N ASN A 329 3.62 -19.63 -8.32
CA ASN A 329 4.39 -18.43 -8.16
C ASN A 329 5.76 -18.60 -8.81
N VAL A 330 5.89 -18.05 -10.02
CA VAL A 330 7.10 -18.21 -10.83
C VAL A 330 8.32 -17.53 -10.23
N TRP A 331 8.11 -16.65 -9.24
CA TRP A 331 9.21 -15.98 -8.54
C TRP A 331 9.54 -16.62 -7.19
N PHE A 332 8.92 -17.76 -6.88
CA PHE A 332 8.97 -18.29 -5.53
C PHE A 332 10.33 -18.91 -5.19
N ALA A 333 10.99 -19.48 -6.20
CA ALA A 333 12.35 -20.03 -6.03
C ALA A 333 13.37 -18.93 -5.71
N GLU A 334 13.23 -17.77 -6.35
CA GLU A 334 14.05 -16.60 -6.00
C GLU A 334 13.76 -16.09 -4.60
N TYR A 335 12.48 -15.99 -4.24
CA TYR A 335 12.07 -15.65 -2.88
C TYR A 335 12.69 -16.61 -1.87
N TRP A 336 12.73 -17.88 -2.24
CA TRP A 336 13.21 -18.96 -1.36
C TRP A 336 14.71 -18.78 -1.05
N GLU A 337 15.51 -18.53 -2.08
CA GLU A 337 16.95 -18.30 -1.93
C GLU A 337 17.28 -17.09 -1.06
N GLU A 338 16.56 -15.98 -1.28
CA GLU A 338 16.71 -14.80 -0.44
C GLU A 338 16.20 -15.00 0.99
N ASN A 339 15.02 -15.61 1.13
CA ASN A 339 14.39 -15.76 2.43
C ASN A 339 15.17 -16.68 3.38
N PHE A 340 15.76 -17.74 2.83
CA PHE A 340 16.54 -18.70 3.62
C PHE A 340 18.05 -18.61 3.40
N ASN A 341 18.53 -17.53 2.77
N ASN A 341 18.51 -17.56 2.72
CA ASN A 341 19.95 -17.31 2.47
CA ASN A 341 19.94 -17.31 2.48
C ASN A 341 20.65 -18.58 2.00
C ASN A 341 20.69 -18.53 1.97
N CYS A 342 20.20 -19.09 0.86
CA CYS A 342 20.72 -20.32 0.28
C CYS A 342 20.66 -20.26 -1.23
N LYS A 343 21.26 -21.24 -1.89
CA LYS A 343 21.23 -21.35 -3.36
C LYS A 343 20.58 -22.66 -3.79
N LEU A 344 19.93 -22.65 -4.95
CA LEU A 344 19.31 -23.86 -5.52
C LEU A 344 20.21 -24.45 -6.60
N ASP A 355 28.61 -20.60 0.95
CA ASP A 355 27.43 -20.64 0.09
C ASP A 355 26.53 -21.83 0.44
N ARG A 356 25.58 -21.60 1.34
CA ARG A 356 24.65 -22.64 1.80
C ARG A 356 23.70 -23.06 0.67
N LYS A 357 23.39 -24.35 0.60
CA LYS A 357 22.50 -24.90 -0.43
C LYS A 357 21.11 -25.10 0.16
N CYS A 358 20.07 -24.75 -0.62
CA CYS A 358 18.70 -24.98 -0.18
C CYS A 358 18.38 -26.47 -0.26
N THR A 359 17.77 -27.00 0.80
CA THR A 359 17.33 -28.41 0.83
C THR A 359 15.90 -28.62 0.32
N GLY A 360 15.08 -27.57 0.37
CA GLY A 360 13.66 -27.68 0.10
C GLY A 360 12.85 -28.04 1.33
N GLN A 361 13.50 -28.36 2.44
CA GLN A 361 12.81 -28.74 3.68
C GLN A 361 12.70 -27.57 4.65
N GLU A 362 13.29 -26.42 4.30
CA GLU A 362 13.09 -25.17 5.04
C GLU A 362 11.60 -24.83 5.06
N ARG A 363 11.16 -24.18 6.12
CA ARG A 363 9.76 -23.78 6.24
C ARG A 363 9.63 -22.35 6.71
N ILE A 364 8.68 -21.64 6.11
CA ILE A 364 8.49 -20.21 6.31
C ILE A 364 7.99 -20.01 7.73
N GLY A 365 8.64 -19.14 8.49
CA GLY A 365 8.29 -18.94 9.89
C GLY A 365 9.08 -19.82 10.85
N LYS A 366 9.46 -21.03 10.42
CA LYS A 366 10.32 -21.93 11.20
C LYS A 366 11.78 -21.60 10.99
N ASP A 367 12.24 -21.71 9.74
CA ASP A 367 13.64 -21.44 9.40
C ASP A 367 13.89 -19.98 8.97
N SER A 368 12.85 -19.15 9.03
CA SER A 368 12.97 -17.71 8.81
C SER A 368 11.99 -17.03 9.74
N ASN A 369 12.14 -15.72 9.93
CA ASN A 369 11.14 -14.93 10.65
C ASN A 369 10.02 -14.54 9.68
N TYR A 370 8.78 -14.71 10.11
CA TYR A 370 7.60 -14.37 9.32
C TYR A 370 6.61 -13.54 10.12
N GLU A 371 6.24 -12.39 9.58
CA GLU A 371 5.07 -11.65 10.02
C GLU A 371 4.31 -11.18 8.77
N GLN A 372 2.99 -11.28 8.80
CA GLN A 372 2.14 -10.86 7.68
C GLN A 372 2.42 -9.42 7.31
N GLU A 373 2.61 -9.16 6.03
CA GLU A 373 2.87 -7.79 5.59
C GLU A 373 1.60 -6.97 5.79
N GLY A 374 1.78 -5.71 6.19
CA GLY A 374 0.66 -4.89 6.64
C GLY A 374 -0.47 -4.63 5.66
N LYS A 375 -0.18 -4.74 4.36
CA LYS A 375 -1.19 -4.44 3.33
C LYS A 375 -1.83 -5.68 2.71
N VAL A 376 -1.60 -6.87 3.28
CA VAL A 376 -2.25 -8.09 2.78
C VAL A 376 -3.78 -7.95 2.79
N GLN A 377 -4.32 -7.39 3.88
CA GLN A 377 -5.74 -7.09 3.95
C GLN A 377 -6.24 -6.28 2.74
N PHE A 378 -5.48 -5.24 2.38
CA PHE A 378 -5.85 -4.37 1.27
C PHE A 378 -5.77 -5.05 -0.10
N VAL A 379 -4.79 -5.91 -0.31
CA VAL A 379 -4.69 -6.65 -1.57
C VAL A 379 -5.91 -7.55 -1.69
N ILE A 380 -6.19 -8.30 -0.64
CA ILE A 380 -7.35 -9.19 -0.64
C ILE A 380 -8.66 -8.43 -0.88
N ASP A 381 -8.84 -7.31 -0.20
CA ASP A 381 -10.04 -6.51 -0.33
C ASP A 381 -10.16 -5.87 -1.70
N ALA A 382 -9.04 -5.53 -2.34
CA ALA A 382 -9.06 -5.03 -3.73
C ALA A 382 -9.58 -6.08 -4.68
N VAL A 383 -9.12 -7.31 -4.50
CA VAL A 383 -9.55 -8.43 -5.35
C VAL A 383 -11.03 -8.73 -5.07
N TYR A 384 -11.43 -8.71 -3.81
CA TYR A 384 -12.85 -8.94 -3.46
C TYR A 384 -13.76 -7.83 -3.99
N ALA A 385 -13.28 -6.58 -4.00
CA ALA A 385 -14.04 -5.48 -4.57
C ALA A 385 -14.33 -5.71 -6.05
N MET A 386 -13.31 -6.12 -6.78
CA MET A 386 -13.46 -6.48 -8.19
C MET A 386 -14.44 -7.63 -8.37
N ALA A 387 -14.33 -8.65 -7.52
CA ALA A 387 -15.24 -9.81 -7.61
C ALA A 387 -16.71 -9.45 -7.31
N HIS A 388 -16.95 -8.69 -6.23
CA HIS A 388 -18.30 -8.22 -5.89
C HIS A 388 -18.90 -7.37 -7.01
N ALA A 389 -18.07 -6.56 -7.66
CA ALA A 389 -18.50 -5.74 -8.79
C ALA A 389 -18.93 -6.64 -9.97
N LEU A 390 -18.09 -7.62 -10.31
CA LEU A 390 -18.41 -8.59 -11.34
C LEU A 390 -19.65 -9.44 -10.98
N HIS A 391 -19.77 -9.81 -9.72
CA HIS A 391 -20.94 -10.59 -9.28
C HIS A 391 -22.25 -9.81 -9.54
N HIS A 392 -22.27 -8.54 -9.13
CA HIS A 392 -23.48 -7.70 -9.30
C HIS A 392 -23.75 -7.44 -10.79
N MET A 393 -22.72 -7.08 -11.55
CA MET A 393 -22.85 -6.96 -13.00
C MET A 393 -23.47 -8.22 -13.65
N ASN A 394 -22.98 -9.39 -13.25
CA ASN A 394 -23.51 -10.66 -13.73
C ASN A 394 -25.00 -10.84 -13.38
N LYS A 395 -25.36 -10.56 -12.12
CA LYS A 395 -26.75 -10.70 -11.68
C LYS A 395 -27.68 -9.70 -12.37
N ASP A 396 -27.18 -8.52 -12.75
CA ASP A 396 -27.97 -7.51 -13.46
C ASP A 396 -28.11 -7.80 -14.95
N LEU A 397 -27.04 -8.24 -15.59
CA LEU A 397 -27.03 -8.48 -17.05
C LEU A 397 -27.28 -9.94 -17.48
N CYS A 398 -27.24 -10.88 -16.53
CA CYS A 398 -27.34 -12.32 -16.80
C CYS A 398 -28.35 -13.02 -15.88
N ALA A 399 -28.62 -14.28 -16.21
CA ALA A 399 -29.45 -15.17 -15.36
C ALA A 399 -29.26 -16.62 -15.80
N ASP A 400 -29.23 -17.53 -14.83
CA ASP A 400 -29.16 -18.99 -15.09
C ASP A 400 -28.20 -19.38 -16.22
N TYR A 401 -26.90 -19.15 -16.01
CA TYR A 401 -25.90 -19.23 -17.08
C TYR A 401 -24.55 -19.72 -16.54
N ARG A 402 -23.92 -20.67 -17.25
CA ARG A 402 -22.57 -21.14 -16.93
C ARG A 402 -21.53 -20.20 -17.54
N GLY A 403 -21.05 -19.27 -16.71
CA GLY A 403 -20.08 -18.26 -17.14
C GLY A 403 -20.71 -16.91 -17.44
N VAL A 404 -20.11 -16.21 -18.40
CA VAL A 404 -20.41 -14.80 -18.72
C VAL A 404 -21.32 -14.71 -19.96
N CYS A 405 -22.41 -13.95 -19.88
CA CYS A 405 -23.25 -13.65 -21.07
C CYS A 405 -22.51 -12.85 -22.11
N PRO A 406 -23.02 -12.85 -23.36
CA PRO A 406 -22.57 -11.84 -24.34
C PRO A 406 -22.87 -10.41 -23.88
N GLU A 407 -24.01 -10.21 -23.20
CA GLU A 407 -24.40 -8.88 -22.70
C GLU A 407 -23.41 -8.36 -21.65
N MET A 408 -22.95 -9.25 -20.78
CA MET A 408 -21.94 -8.89 -19.78
C MET A 408 -20.58 -8.72 -20.44
N GLU A 409 -20.24 -9.64 -21.35
CA GLU A 409 -19.03 -9.51 -22.18
C GLU A 409 -19.01 -8.19 -22.96
N GLN A 410 -20.18 -7.73 -23.41
CA GLN A 410 -20.32 -6.50 -24.19
C GLN A 410 -20.40 -5.21 -23.37
N ALA A 411 -20.65 -5.33 -22.06
CA ALA A 411 -20.79 -4.18 -21.15
C ALA A 411 -19.56 -3.27 -21.14
N GLY A 412 -18.37 -3.87 -21.12
CA GLY A 412 -17.13 -3.11 -21.10
C GLY A 412 -16.80 -2.45 -19.77
N GLY A 413 -15.61 -1.86 -19.72
CA GLY A 413 -15.05 -1.32 -18.49
C GLY A 413 -15.72 -0.11 -17.91
N LYS A 414 -16.30 0.75 -18.74
CA LYS A 414 -17.07 1.89 -18.24
C LYS A 414 -18.19 1.46 -17.32
N LYS A 415 -18.90 0.39 -17.69
N LYS A 415 -18.90 0.39 -17.68
CA LYS A 415 -19.97 -0.16 -16.88
CA LYS A 415 -19.97 -0.14 -16.84
C LYS A 415 -19.46 -0.87 -15.63
C LYS A 415 -19.45 -0.87 -15.62
N LEU A 416 -18.41 -1.68 -15.78
CA LEU A 416 -17.79 -2.37 -14.61
C LEU A 416 -17.29 -1.35 -13.58
N LEU A 417 -16.68 -0.27 -14.07
CA LEU A 417 -16.27 0.84 -13.22
C LEU A 417 -17.40 1.34 -12.30
N LYS A 418 -18.61 1.50 -12.84
CA LYS A 418 -19.76 1.93 -12.02
C LYS A 418 -20.10 0.89 -10.94
N TYR A 419 -20.03 -0.38 -11.30
CA TYR A 419 -20.26 -1.44 -10.31
C TYR A 419 -19.20 -1.43 -9.22
N ILE A 420 -17.93 -1.25 -9.62
CA ILE A 420 -16.83 -1.15 -8.66
C ILE A 420 -17.10 -0.03 -7.66
N ARG A 421 -17.42 1.17 -8.18
CA ARG A 421 -17.65 2.34 -7.32
C ARG A 421 -18.82 2.20 -6.33
N ASN A 422 -19.71 1.24 -6.59
CA ASN A 422 -20.87 1.00 -5.74
C ASN A 422 -20.83 -0.25 -4.86
N VAL A 423 -19.72 -0.98 -4.85
CA VAL A 423 -19.60 -2.12 -3.92
C VAL A 423 -19.65 -1.67 -2.46
N ASN A 424 -20.14 -2.56 -1.61
CA ASN A 424 -20.24 -2.28 -0.18
C ASN A 424 -20.36 -3.60 0.57
N PHE A 425 -19.27 -4.04 1.18
CA PHE A 425 -19.22 -5.36 1.79
C PHE A 425 -18.19 -5.41 2.89
N ASN A 426 -18.27 -6.45 3.70
CA ASN A 426 -17.33 -6.65 4.78
C ASN A 426 -16.15 -7.41 4.22
N GLY A 427 -14.97 -6.81 4.33
CA GLY A 427 -13.76 -7.38 3.76
C GLY A 427 -13.10 -8.44 4.59
N SER A 428 -11.85 -8.77 4.22
CA SER A 428 -11.10 -9.89 4.77
C SER A 428 -10.77 -9.79 6.27
N ALA A 429 -10.77 -8.58 6.82
CA ALA A 429 -10.62 -8.36 8.26
C ALA A 429 -11.95 -7.99 8.95
N GLY A 430 -13.09 -8.32 8.33
CA GLY A 430 -14.40 -8.01 8.87
C GLY A 430 -14.82 -6.54 8.93
N THR A 431 -14.13 -5.67 8.20
CA THR A 431 -14.46 -4.24 8.16
C THR A 431 -15.02 -3.83 6.78
N PRO A 432 -15.83 -2.75 6.72
CA PRO A 432 -16.50 -2.42 5.46
C PRO A 432 -15.53 -1.95 4.35
N VAL A 433 -15.79 -2.38 3.12
CA VAL A 433 -15.03 -1.94 1.96
C VAL A 433 -15.99 -1.19 1.05
N MET A 434 -15.65 0.06 0.75
CA MET A 434 -16.47 0.91 -0.13
C MET A 434 -15.59 2.02 -0.67
N PHE A 435 -16.08 2.71 -1.70
CA PHE A 435 -15.40 3.85 -2.31
C PHE A 435 -16.31 5.08 -2.33
N ASN A 436 -15.71 6.26 -2.15
CA ASN A 436 -16.43 7.52 -2.37
C ASN A 436 -16.54 7.83 -3.87
N LYS A 437 -17.11 8.99 -4.21
CA LYS A 437 -17.35 9.35 -5.61
C LYS A 437 -16.07 9.45 -6.47
N ASN A 438 -14.93 9.71 -5.83
CA ASN A 438 -13.64 9.81 -6.49
C ASN A 438 -12.88 8.46 -6.60
N GLY A 439 -13.45 7.39 -6.06
CA GLY A 439 -12.81 6.09 -6.02
C GLY A 439 -11.92 5.84 -4.81
N ASP A 440 -12.00 6.71 -3.80
CA ASP A 440 -11.15 6.64 -2.61
C ASP A 440 -11.86 5.93 -1.47
N ALA A 441 -11.13 5.07 -0.76
CA ALA A 441 -11.62 4.50 0.48
C ALA A 441 -11.73 5.62 1.50
N PRO A 442 -12.71 5.54 2.41
CA PRO A 442 -12.82 6.62 3.40
C PRO A 442 -11.59 6.74 4.30
N GLY A 443 -11.33 7.95 4.80
CA GLY A 443 -10.21 8.19 5.71
C GLY A 443 -10.42 7.60 7.09
N ARG A 444 -9.90 6.40 7.31
CA ARG A 444 -9.98 5.71 8.59
C ARG A 444 -8.59 5.28 9.06
N TYR A 445 -8.10 5.93 10.12
CA TYR A 445 -6.71 5.73 10.58
C TYR A 445 -6.65 5.35 12.04
N ASP A 446 -5.66 4.53 12.37
CA ASP A 446 -5.27 4.29 13.75
C ASP A 446 -4.07 5.15 14.10
N ILE A 447 -3.98 5.50 15.37
CA ILE A 447 -2.92 6.36 15.89
C ILE A 447 -2.16 5.53 16.89
N PHE A 448 -0.83 5.48 16.72
CA PHE A 448 0.03 4.67 17.55
C PHE A 448 1.09 5.55 18.18
N GLN A 449 1.57 5.14 19.34
CA GLN A 449 2.67 5.80 20.04
C GLN A 449 3.67 4.75 20.51
N TYR A 450 4.95 5.02 20.30
CA TYR A 450 6.01 4.12 20.72
C TYR A 450 6.23 4.30 22.22
N GLN A 451 6.01 3.23 22.98
CA GLN A 451 6.05 3.30 24.44
C GLN A 451 7.05 2.33 25.07
N THR A 452 7.63 2.76 26.18
CA THR A 452 8.66 2.02 26.93
C THR A 452 8.22 1.73 28.39
N THR A 453 6.91 1.76 28.66
CA THR A 453 6.40 1.61 30.03
C THR A 453 6.52 0.18 30.54
N ASN A 454 6.09 -0.79 29.73
CA ASN A 454 6.14 -2.21 30.09
C ASN A 454 5.94 -3.13 28.88
N PRO A 458 8.33 -3.31 25.04
CA PRO A 458 8.32 -1.99 24.43
C PRO A 458 7.91 -2.02 22.95
N GLY A 459 7.05 -1.08 22.55
CA GLY A 459 6.52 -1.08 21.19
C GLY A 459 5.48 -0.01 20.91
N TYR A 460 5.05 0.05 19.66
CA TYR A 460 3.96 0.93 19.24
C TYR A 460 2.63 0.47 19.85
N ARG A 461 1.99 1.36 20.62
CA ARG A 461 0.69 1.11 21.24
C ARG A 461 -0.42 1.95 20.61
N LEU A 462 -1.60 1.36 20.44
CA LEU A 462 -2.77 2.05 19.91
C LEU A 462 -3.25 3.10 20.93
N ILE A 463 -3.28 4.36 20.51
CA ILE A 463 -3.71 5.47 21.37
C ILE A 463 -4.90 6.27 20.85
N GLY A 464 -5.43 5.87 19.69
CA GLY A 464 -6.57 6.55 19.13
C GLY A 464 -6.84 6.18 17.70
N GLN A 465 -7.77 6.93 17.11
CA GLN A 465 -8.16 6.75 15.73
C GLN A 465 -8.79 8.03 15.21
N TRP A 466 -8.77 8.17 13.89
CA TRP A 466 -9.38 9.29 13.20
C TRP A 466 -10.28 8.68 12.15
N THR A 467 -11.58 8.97 12.27
CA THR A 467 -12.60 8.54 11.32
C THR A 467 -13.45 9.81 11.08
N ASP A 468 -14.77 9.74 11.32
N ASP A 468 -14.77 9.72 11.31
CA ASP A 468 -15.61 10.95 11.26
CA ASP A 468 -15.65 10.89 11.29
C ASP A 468 -15.37 11.86 12.48
C ASP A 468 -15.33 11.85 12.45
N GLU A 469 -14.74 11.32 13.52
CA GLU A 469 -14.24 12.10 14.66
C GLU A 469 -12.77 11.75 14.95
N LEU A 470 -12.10 12.63 15.68
CA LEU A 470 -10.79 12.32 16.26
C LEU A 470 -10.97 11.78 17.67
N GLN A 471 -10.51 10.55 17.90
CA GLN A 471 -10.50 9.95 19.22
C GLN A 471 -9.04 9.83 19.64
N LEU A 472 -8.62 10.66 20.60
CA LEU A 472 -7.29 10.57 21.22
C LEU A 472 -7.44 10.16 22.66
N ASN A 473 -6.96 8.96 22.99
CA ASN A 473 -7.05 8.41 24.33
C ASN A 473 -5.85 8.85 25.14
N ILE A 474 -5.96 10.06 25.69
CA ILE A 474 -4.89 10.72 26.46
C ILE A 474 -4.42 9.83 27.61
N GLU A 475 -5.35 9.07 28.22
CA GLU A 475 -5.03 8.13 29.30
C GLU A 475 -4.12 6.95 28.89
N ASP A 476 -4.22 6.54 27.63
CA ASP A 476 -3.35 5.49 27.08
C ASP A 476 -1.98 5.99 26.60
N MET A 477 -1.77 7.30 26.57
CA MET A 477 -0.51 7.89 26.08
C MET A 477 0.51 7.96 27.19
N GLN A 478 1.79 7.97 26.82
CA GLN A 478 2.88 8.05 27.77
C GLN A 478 3.26 9.51 27.98
N TRP A 479 3.37 9.92 29.24
CA TRP A 479 3.59 11.31 29.63
C TRP A 479 4.78 11.43 30.59
#